data_5HI7
#
_entry.id   5HI7
#
_cell.length_a   60.470
_cell.length_b   66.401
_cell.length_c   104.851
_cell.angle_alpha   90.00
_cell.angle_beta   90.00
_cell.angle_gamma   90.00
#
_symmetry.space_group_name_H-M   'P 21 21 21'
#
loop_
_entity.id
_entity.type
_entity.pdbx_description
1 polymer 'Histone-lysine N-methyltransferase SMYD3'
2 non-polymer 'ZINC ION'
3 non-polymer 'MAGNESIUM ION'
4 non-polymer 'DIMETHYL SULFOXIDE'
5 non-polymer "5'-{[(3S)-3-amino-3-carboxypropyl][3-(dimethylamino)propyl]amino}-5'-deoxyadenosine"
6 water water
#
_entity_poly.entity_id   1
_entity_poly.type   'polypeptide(L)'
_entity_poly.pdbx_seq_one_letter_code
;GSFTMEPLKVEKFATANRGNGLRAVTPLRPGELLFRSDPLAYTVCKGSRGVVCDRCLLGKEKLMRCSQCRVAKYCSAKCQ
KKAWPDHKRECKCLKSCKPRYPPDSVRLLGRVVFKLMDGAPSESEKLYSFYDLESNINKLTEDKKEGLRQLVMTFQHFMR
EEIQDASQLPPAFDLFEAFAKVICNSFTICNAEMQEVGVGLYPSISLLNHSCDPNCSIVFNGPHLLLRAVRDIEVGEELT
ICYLDMLMTSEERRKQLRDQYCFECDCFRCQTQDKDADMLTGDEQVWKEVQESLKKIEELKAHWKWEQVLAMCQAIISSN
SERLPDINIYQLKVLDCAMDACINLGLLEEALFYGTRTMEPYRIFFPGSHPVRGVQVMKVGKLQLHQGMFPQAMKNLRLA
FDIMRVTHGREHSLIEDLILLLEECDANIRAS
;
_entity_poly.pdbx_strand_id   A
#
loop_
_chem_comp.id
_chem_comp.type
_chem_comp.name
_chem_comp.formula
62X non-polymer 5'-{[(3S)-3-amino-3-carboxypropyl][3-(dimethylamino)propyl]amino}-5'-deoxyadenosine 'C19 H32 N8 O5'
DMS non-polymer 'DIMETHYL SULFOXIDE' 'C2 H6 O S'
MG non-polymer 'MAGNESIUM ION' 'Mg 2'
ZN non-polymer 'ZINC ION' 'Zn 2'
#
# COMPACT_ATOMS: atom_id res chain seq x y z
N PRO A 7 1.82 -9.51 26.27
CA PRO A 7 0.46 -8.97 26.12
C PRO A 7 0.03 -8.99 24.65
N LEU A 8 0.30 -10.10 23.98
CA LEU A 8 -0.09 -10.29 22.58
C LEU A 8 -1.37 -11.10 22.48
N LYS A 9 -2.26 -10.67 21.59
CA LYS A 9 -3.45 -11.43 21.24
C LYS A 9 -3.21 -12.36 20.05
N VAL A 10 -1.98 -12.42 19.54
CA VAL A 10 -1.63 -13.21 18.37
C VAL A 10 -0.38 -14.00 18.66
N GLU A 11 -0.18 -15.08 17.90
CA GLU A 11 1.01 -15.91 18.05
C GLU A 11 1.36 -16.54 16.71
N LYS A 12 2.65 -16.79 16.52
CA LYS A 12 3.12 -17.55 15.36
C LYS A 12 2.79 -19.03 15.54
N PHE A 13 2.50 -19.69 14.43
CA PHE A 13 2.26 -21.12 14.44
C PHE A 13 2.57 -21.70 13.07
N ALA A 14 2.75 -23.01 13.03
CA ALA A 14 3.05 -23.72 11.79
C ALA A 14 1.75 -24.23 11.19
N THR A 15 1.37 -23.67 10.04
CA THR A 15 0.21 -24.12 9.29
C THR A 15 0.53 -25.45 8.61
N ALA A 16 -0.53 -26.12 8.16
CA ALA A 16 -0.33 -27.40 7.49
C ALA A 16 0.30 -27.19 6.11
N ASN A 17 -0.43 -26.61 5.16
CA ASN A 17 0.09 -26.41 3.82
C ASN A 17 0.63 -25.02 3.51
N ARG A 18 0.47 -24.04 4.41
CA ARG A 18 0.80 -22.65 4.10
C ARG A 18 2.15 -22.19 4.63
N GLY A 19 2.92 -23.05 5.28
CA GLY A 19 4.11 -22.58 5.97
C GLY A 19 3.76 -22.00 7.34
N ASN A 20 4.49 -20.97 7.74
CA ASN A 20 4.20 -20.28 9.00
C ASN A 20 3.05 -19.32 8.83
N GLY A 21 2.35 -19.06 9.94
CA GLY A 21 1.21 -18.17 9.93
C GLY A 21 1.01 -17.53 11.29
N LEU A 22 -0.04 -16.72 11.38
CA LEU A 22 -0.41 -16.01 12.60
C LEU A 22 -1.84 -16.37 12.96
N ARG A 23 -2.10 -16.66 14.24
CA ARG A 23 -3.42 -17.03 14.69
C ARG A 23 -3.73 -16.32 16.00
N ALA A 24 -5.03 -16.15 16.25
CA ALA A 24 -5.50 -15.51 17.47
C ALA A 24 -5.41 -16.47 18.65
N VAL A 25 -4.82 -16.01 19.75
CA VAL A 25 -4.83 -16.78 21.00
C VAL A 25 -6.08 -16.52 21.83
N THR A 26 -6.88 -15.51 21.47
CA THR A 26 -8.10 -15.15 22.17
C THR A 26 -9.08 -14.65 21.13
N PRO A 27 -10.38 -14.76 21.37
CA PRO A 27 -11.36 -14.20 20.43
C PRO A 27 -11.12 -12.72 20.22
N LEU A 28 -11.27 -12.28 18.98
CA LEU A 28 -11.04 -10.91 18.57
C LEU A 28 -12.31 -10.33 17.98
N ARG A 29 -12.50 -9.03 18.17
CA ARG A 29 -13.68 -8.31 17.73
C ARG A 29 -13.28 -7.27 16.69
N PRO A 30 -14.22 -6.83 15.84
CA PRO A 30 -13.87 -5.88 14.79
C PRO A 30 -13.33 -4.58 15.36
N GLY A 31 -12.25 -4.08 14.75
CA GLY A 31 -11.60 -2.87 15.20
C GLY A 31 -10.46 -3.08 16.17
N GLU A 32 -10.35 -4.25 16.77
CA GLU A 32 -9.33 -4.51 17.78
C GLU A 32 -7.94 -4.43 17.16
N LEU A 33 -7.01 -3.82 17.90
CA LEU A 33 -5.66 -3.61 17.39
C LEU A 33 -4.81 -4.82 17.79
N LEU A 34 -4.40 -5.60 16.78
CA LEU A 34 -3.60 -6.79 17.03
C LEU A 34 -2.12 -6.48 17.17
N PHE A 35 -1.59 -5.63 16.30
CA PHE A 35 -0.16 -5.36 16.26
C PHE A 35 0.07 -3.97 15.68
N ARG A 36 1.14 -3.31 16.14
CA ARG A 36 1.63 -2.09 15.52
C ARG A 36 3.15 -2.11 15.54
N SER A 37 3.75 -1.74 14.42
CA SER A 37 5.21 -1.73 14.34
C SER A 37 5.67 -0.70 13.32
N ASP A 38 6.85 -0.14 13.59
CA ASP A 38 7.62 0.55 12.58
C ASP A 38 8.28 -0.48 11.68
N PRO A 39 8.79 -0.07 10.51
CA PRO A 39 9.45 -1.03 9.63
C PRO A 39 10.85 -1.38 10.11
N LEU A 40 11.28 -2.59 9.77
CA LEU A 40 12.70 -2.91 9.86
C LEU A 40 13.50 -1.99 8.97
N ALA A 41 13.04 -1.81 7.73
CA ALA A 41 13.60 -0.84 6.80
C ALA A 41 12.50 -0.44 5.83
N TYR A 42 12.61 0.77 5.29
CA TYR A 42 11.64 1.26 4.33
C TYR A 42 12.29 2.36 3.51
N THR A 43 11.71 2.62 2.33
CA THR A 43 12.21 3.70 1.48
C THR A 43 11.06 4.25 0.65
N VAL A 44 11.16 5.54 0.31
CA VAL A 44 10.25 6.14 -0.65
C VAL A 44 10.38 5.42 -1.99
N CYS A 45 9.26 5.34 -2.70
CA CYS A 45 9.25 4.74 -4.04
C CYS A 45 9.84 5.69 -5.06
N LYS A 46 10.31 5.11 -6.18
CA LYS A 46 10.98 5.89 -7.21
C LYS A 46 10.09 7.03 -7.71
N GLY A 47 8.80 6.75 -7.90
CA GLY A 47 7.91 7.76 -8.46
C GLY A 47 7.63 8.91 -7.52
N SER A 48 7.60 8.65 -6.21
CA SER A 48 7.30 9.67 -5.21
C SER A 48 8.55 10.32 -4.63
N ARG A 49 9.74 9.91 -5.07
CA ARG A 49 10.98 10.50 -4.60
C ARG A 49 11.07 11.96 -5.05
N GLY A 50 11.47 12.83 -4.12
CA GLY A 50 11.48 14.26 -4.37
C GLY A 50 10.13 14.92 -4.28
N VAL A 51 9.07 14.14 -4.10
CA VAL A 51 7.70 14.62 -3.94
C VAL A 51 7.36 14.58 -2.46
N VAL A 52 7.46 13.39 -1.86
CA VAL A 52 7.14 13.16 -0.46
C VAL A 52 8.42 13.16 0.36
N CYS A 53 8.30 13.64 1.60
CA CYS A 53 9.41 13.60 2.54
C CYS A 53 9.94 12.19 2.72
N ASP A 54 11.26 12.06 2.77
CA ASP A 54 11.89 10.75 2.89
C ASP A 54 11.53 10.06 4.19
N ARG A 55 11.33 10.82 5.27
CA ARG A 55 11.03 10.23 6.57
C ARG A 55 9.55 9.90 6.69
N CYS A 56 8.70 10.92 6.68
CA CYS A 56 7.27 10.75 6.98
C CYS A 56 6.42 10.43 5.76
N LEU A 57 6.99 10.47 4.55
CA LEU A 57 6.30 10.03 3.34
C LEU A 57 5.05 10.87 3.04
N LEU A 58 5.03 12.11 3.50
CA LEU A 58 3.92 13.02 3.22
C LEU A 58 4.31 13.98 2.11
N GLY A 59 3.40 14.18 1.16
CA GLY A 59 3.60 15.19 0.14
C GLY A 59 3.56 16.57 0.76
N LYS A 60 4.62 17.36 0.55
CA LYS A 60 4.72 18.71 1.08
C LYS A 60 4.98 19.68 -0.06
N GLU A 61 4.52 20.92 0.14
CA GLU A 61 4.70 21.95 -0.89
C GLU A 61 6.16 22.37 -1.01
N LYS A 62 6.93 22.24 0.07
CA LYS A 62 8.35 22.60 0.06
C LYS A 62 9.14 21.48 0.72
N LEU A 63 10.03 20.87 -0.07
CA LEU A 63 11.00 19.91 0.43
C LEU A 63 12.40 20.42 0.13
N MET A 64 13.37 19.91 0.88
CA MET A 64 14.77 20.33 0.74
C MET A 64 15.65 19.09 0.65
N ARG A 65 16.63 19.16 -0.24
CA ARG A 65 17.48 18.02 -0.52
C ARG A 65 18.59 17.89 0.52
N CYS A 66 18.95 16.64 0.82
CA CYS A 66 20.13 16.39 1.62
C CYS A 66 21.35 16.96 0.92
N SER A 67 22.22 17.60 1.68
CA SER A 67 23.35 18.31 1.07
C SER A 67 24.29 17.35 0.36
N GLN A 68 24.63 16.23 0.99
CA GLN A 68 25.67 15.35 0.44
C GLN A 68 25.19 14.61 -0.80
N CYS A 69 24.10 13.86 -0.68
CA CYS A 69 23.61 13.08 -1.83
C CYS A 69 22.75 13.91 -2.77
N ARG A 70 21.99 14.87 -2.24
CA ARG A 70 20.99 15.61 -3.02
C ARG A 70 19.95 14.67 -3.64
N VAL A 71 19.73 13.53 -2.99
CA VAL A 71 18.71 12.55 -3.40
C VAL A 71 17.54 12.55 -2.44
N ALA A 72 17.78 12.19 -1.18
CA ALA A 72 16.75 12.26 -0.16
C ALA A 72 16.27 13.69 0.02
N LYS A 73 14.95 13.84 0.18
CA LYS A 73 14.32 15.13 0.44
C LYS A 73 13.51 15.05 1.72
N TYR A 74 13.48 16.15 2.46
CA TYR A 74 12.87 16.18 3.79
C TYR A 74 11.97 17.41 3.93
N CYS A 75 10.89 17.23 4.69
CA CYS A 75 9.97 18.33 4.96
C CYS A 75 10.45 19.25 6.09
N SER A 76 11.34 18.75 6.95
CA SER A 76 11.74 19.51 8.12
C SER A 76 13.09 19.01 8.61
N ALA A 77 13.75 19.84 9.43
CA ALA A 77 14.93 19.39 10.15
C ALA A 77 14.61 18.22 11.06
N LYS A 78 13.40 18.19 11.62
CA LYS A 78 13.02 17.06 12.47
C LYS A 78 13.04 15.75 11.70
N CYS A 79 12.57 15.77 10.46
CA CYS A 79 12.49 14.54 9.68
C CYS A 79 13.87 14.08 9.20
N GLN A 80 14.76 15.02 8.86
CA GLN A 80 16.09 14.62 8.44
C GLN A 80 16.90 14.09 9.62
N LYS A 81 16.67 14.64 10.82
CA LYS A 81 17.37 14.15 12.00
C LYS A 81 16.90 12.75 12.37
N LYS A 82 15.58 12.53 12.36
CA LYS A 82 15.05 11.20 12.65
C LYS A 82 15.44 10.20 11.57
N ALA A 83 15.59 10.65 10.34
CA ALA A 83 15.95 9.77 9.22
C ALA A 83 17.45 9.57 9.06
N TRP A 84 18.27 10.36 9.76
CA TRP A 84 19.71 10.32 9.53
C TRP A 84 20.34 8.96 9.82
N PRO A 85 19.98 8.26 10.90
CA PRO A 85 20.58 6.93 11.11
C PRO A 85 20.32 5.96 9.99
N ASP A 86 19.10 5.98 9.43
CA ASP A 86 18.79 5.11 8.30
C ASP A 86 19.46 5.57 7.02
N HIS A 87 19.62 6.88 6.84
CA HIS A 87 20.12 7.47 5.61
C HIS A 87 21.63 7.62 5.58
N LYS A 88 22.31 7.45 6.72
CA LYS A 88 23.71 7.87 6.84
C LYS A 88 24.60 7.17 5.83
N ARG A 89 24.56 5.84 5.79
CA ARG A 89 25.47 5.09 4.92
C ARG A 89 24.99 5.06 3.48
N GLU A 90 23.69 4.94 3.24
CA GLU A 90 23.20 4.94 1.87
C GLU A 90 23.40 6.28 1.17
N CYS A 91 23.56 7.36 1.95
CA CYS A 91 23.79 8.68 1.36
C CYS A 91 25.03 8.67 0.48
N LYS A 92 26.12 8.04 0.94
CA LYS A 92 27.34 7.97 0.15
C LYS A 92 27.15 7.07 -1.06
N CYS A 93 26.27 6.07 -0.97
CA CYS A 93 26.01 5.20 -2.11
C CYS A 93 25.18 5.91 -3.17
N LEU A 94 24.10 6.58 -2.76
CA LEU A 94 23.28 7.35 -3.69
C LEU A 94 24.10 8.45 -4.35
N LYS A 95 24.99 9.08 -3.58
CA LYS A 95 25.85 10.13 -4.14
C LYS A 95 26.72 9.60 -5.26
N SER A 96 27.44 8.50 -5.01
CA SER A 96 28.42 8.00 -5.96
C SER A 96 27.78 7.40 -7.21
N CYS A 97 26.53 6.96 -7.12
CA CYS A 97 25.88 6.27 -8.23
C CYS A 97 25.11 7.19 -9.15
N LYS A 98 24.95 8.45 -8.81
CA LYS A 98 24.29 9.41 -9.69
C LYS A 98 25.06 9.48 -11.01
N PRO A 99 24.36 9.74 -12.12
CA PRO A 99 22.92 10.00 -12.29
C PRO A 99 22.01 8.80 -12.03
N ARG A 100 22.56 7.59 -12.01
CA ARG A 100 21.74 6.38 -11.93
C ARG A 100 21.13 6.23 -10.54
N TYR A 101 19.82 5.96 -10.50
CA TYR A 101 19.06 5.70 -9.28
C TYR A 101 18.70 4.22 -9.17
N PRO A 102 19.00 3.56 -8.07
CA PRO A 102 18.78 2.10 -7.98
C PRO A 102 17.29 1.77 -7.93
N PRO A 103 16.92 0.53 -8.25
CA PRO A 103 15.54 0.10 -8.03
C PRO A 103 15.16 0.19 -6.56
N ASP A 104 13.84 0.26 -6.31
CA ASP A 104 13.34 0.35 -4.95
C ASP A 104 13.82 -0.83 -4.10
N SER A 105 13.77 -2.04 -4.66
CA SER A 105 14.18 -3.23 -3.91
C SER A 105 15.65 -3.14 -3.52
N VAL A 106 16.48 -2.58 -4.39
CA VAL A 106 17.91 -2.45 -4.10
C VAL A 106 18.12 -1.45 -2.97
N ARG A 107 17.45 -0.30 -3.03
CA ARG A 107 17.58 0.68 -1.96
C ARG A 107 17.00 0.14 -0.66
N LEU A 108 15.93 -0.65 -0.74
CA LEU A 108 15.35 -1.22 0.47
C LEU A 108 16.29 -2.24 1.12
N LEU A 109 16.89 -3.12 0.32
CA LEU A 109 17.81 -4.10 0.89
C LEU A 109 19.04 -3.43 1.46
N GLY A 110 19.53 -2.37 0.81
CA GLY A 110 20.66 -1.63 1.36
C GLY A 110 20.37 -1.13 2.76
N ARG A 111 19.15 -0.62 2.98
CA ARG A 111 18.77 -0.18 4.32
C ARG A 111 18.64 -1.35 5.28
N VAL A 112 18.14 -2.49 4.79
CA VAL A 112 18.11 -3.70 5.63
C VAL A 112 19.51 -4.07 6.09
N VAL A 113 20.46 -4.12 5.15
CA VAL A 113 21.82 -4.52 5.47
C VAL A 113 22.41 -3.59 6.51
N PHE A 114 22.25 -2.27 6.31
CA PHE A 114 22.79 -1.32 7.27
C PHE A 114 22.11 -1.45 8.63
N LYS A 115 20.78 -1.66 8.63
CA LYS A 115 20.07 -1.86 9.89
C LYS A 115 20.58 -3.09 10.62
N LEU A 116 20.75 -4.20 9.91
CA LEU A 116 21.23 -5.41 10.56
C LEU A 116 22.69 -5.28 10.99
N MET A 117 23.51 -4.60 10.18
CA MET A 117 24.92 -4.43 10.55
C MET A 117 25.08 -3.43 11.70
N ASP A 118 24.57 -2.21 11.53
CA ASP A 118 24.85 -1.13 12.48
C ASP A 118 23.75 -0.88 13.50
N GLY A 119 22.60 -1.54 13.40
CA GLY A 119 21.45 -1.21 14.21
C GLY A 119 21.29 -2.10 15.43
N ALA A 120 20.55 -1.60 16.41
CA ALA A 120 20.11 -2.41 17.53
C ALA A 120 19.01 -3.36 17.06
N PRO A 121 18.72 -4.39 17.84
CA PRO A 121 17.64 -5.32 17.45
C PRO A 121 16.32 -4.57 17.27
N SER A 122 15.67 -4.82 16.15
CA SER A 122 14.47 -4.09 15.76
C SER A 122 13.22 -4.74 16.36
N GLU A 123 12.37 -3.92 16.99
CA GLU A 123 11.10 -4.41 17.51
C GLU A 123 10.20 -4.96 16.42
N SER A 124 10.40 -4.53 15.17
CA SER A 124 9.61 -5.06 14.07
C SER A 124 9.78 -6.56 13.91
N GLU A 125 10.87 -7.11 14.45
CA GLU A 125 11.22 -8.52 14.31
C GLU A 125 10.72 -9.39 15.47
N LYS A 126 9.91 -8.82 16.37
CA LYS A 126 9.53 -9.51 17.59
C LYS A 126 9.03 -10.94 17.33
N LEU A 127 8.02 -11.08 16.46
CA LEU A 127 7.45 -12.40 16.17
C LEU A 127 8.26 -13.18 15.15
N TYR A 128 8.89 -12.49 14.21
CA TYR A 128 9.51 -13.09 13.05
C TYR A 128 10.65 -12.17 12.63
N SER A 129 11.74 -12.73 12.14
CA SER A 129 12.88 -11.91 11.74
C SER A 129 13.11 -12.00 10.24
N PHE A 130 14.08 -11.20 9.77
CA PHE A 130 14.37 -11.17 8.33
C PHE A 130 14.95 -12.51 7.87
N TYR A 131 15.76 -13.14 8.72
CA TYR A 131 16.32 -14.44 8.39
C TYR A 131 15.26 -15.53 8.32
N ASP A 132 14.14 -15.35 9.03
CA ASP A 132 13.05 -16.33 9.00
C ASP A 132 12.17 -16.22 7.78
N LEU A 133 12.26 -15.13 7.02
CA LEU A 133 11.27 -14.83 5.98
C LEU A 133 11.31 -15.87 4.87
N GLU A 134 10.15 -16.08 4.25
CA GLU A 134 10.00 -17.04 3.17
C GLU A 134 10.68 -16.52 1.91
N SER A 135 11.61 -17.31 1.34
CA SER A 135 12.20 -16.98 0.05
C SER A 135 11.49 -17.58 -1.15
N ASN A 136 10.66 -18.61 -0.96
CA ASN A 136 10.02 -19.34 -2.06
C ASN A 136 10.99 -19.72 -3.18
N ILE A 137 12.25 -19.99 -2.85
CA ILE A 137 13.26 -20.10 -3.93
C ILE A 137 13.04 -21.35 -4.75
N ASN A 138 12.63 -22.46 -4.12
CA ASN A 138 12.46 -23.69 -4.89
C ASN A 138 11.24 -23.66 -5.80
N LYS A 139 10.37 -22.66 -5.66
CA LYS A 139 9.23 -22.48 -6.54
CA LYS A 139 9.23 -22.48 -6.54
C LYS A 139 9.49 -21.45 -7.65
N LEU A 140 10.66 -20.81 -7.66
CA LEU A 140 10.94 -19.77 -8.64
C LEU A 140 11.25 -20.37 -10.00
N THR A 141 10.63 -19.82 -11.04
CA THR A 141 10.98 -20.15 -12.41
C THR A 141 12.35 -19.57 -12.75
N GLU A 142 12.96 -20.12 -13.81
CA GLU A 142 14.28 -19.68 -14.20
C GLU A 142 14.30 -18.19 -14.55
N ASP A 143 13.21 -17.66 -15.10
CA ASP A 143 13.15 -16.23 -15.38
C ASP A 143 13.18 -15.40 -14.11
N LYS A 144 12.45 -15.83 -13.08
CA LYS A 144 12.48 -15.11 -11.81
C LYS A 144 13.87 -15.15 -11.20
N LYS A 145 14.54 -16.30 -11.27
CA LYS A 145 15.88 -16.42 -10.70
C LYS A 145 16.86 -15.49 -11.42
N GLU A 146 16.72 -15.34 -12.74
CA GLU A 146 17.61 -14.46 -13.48
C GLU A 146 17.38 -13.00 -13.07
N GLY A 147 16.12 -12.61 -12.89
CA GLY A 147 15.84 -11.28 -12.39
C GLY A 147 16.48 -11.03 -11.04
N LEU A 148 16.45 -12.04 -10.16
CA LEU A 148 17.12 -11.90 -8.87
C LEU A 148 18.63 -11.76 -9.04
N ARG A 149 19.22 -12.53 -9.96
CA ARG A 149 20.65 -12.42 -10.19
C ARG A 149 21.03 -11.02 -10.65
N GLN A 150 20.16 -10.37 -11.43
CA GLN A 150 20.44 -9.00 -11.87
C GLN A 150 20.38 -8.03 -10.70
N LEU A 151 19.42 -8.23 -9.78
CA LEU A 151 19.35 -7.36 -8.61
C LEU A 151 20.58 -7.51 -7.73
N VAL A 152 21.09 -8.75 -7.61
CA VAL A 152 22.30 -8.98 -6.82
C VAL A 152 23.45 -8.14 -7.37
N MET A 153 23.67 -8.19 -8.69
CA MET A 153 24.76 -7.44 -9.28
C MET A 153 24.51 -5.93 -9.19
N THR A 154 23.26 -5.51 -9.32
CA THR A 154 22.93 -4.11 -9.11
C THR A 154 23.26 -3.68 -7.68
N PHE A 155 22.91 -4.53 -6.70
CA PHE A 155 23.21 -4.23 -5.31
C PHE A 155 24.71 -4.12 -5.09
N GLN A 156 25.48 -5.06 -5.64
CA GLN A 156 26.93 -5.01 -5.50
C GLN A 156 27.51 -3.74 -6.11
N HIS A 157 26.92 -3.26 -7.21
CA HIS A 157 27.35 -2.00 -7.79
C HIS A 157 26.92 -0.83 -6.91
N PHE A 158 25.64 -0.80 -6.53
CA PHE A 158 25.10 0.34 -5.81
C PHE A 158 25.79 0.54 -4.46
N MET A 159 26.15 -0.56 -3.80
CA MET A 159 26.70 -0.55 -2.46
C MET A 159 28.23 -0.58 -2.45
N ARG A 160 28.88 -0.56 -3.61
CA ARG A 160 30.32 -0.78 -3.69
C ARG A 160 31.09 0.21 -2.82
N GLU A 161 30.54 1.40 -2.57
CA GLU A 161 31.24 2.37 -1.74
C GLU A 161 31.29 1.91 -0.29
N GLU A 162 30.14 1.56 0.28
CA GLU A 162 30.08 1.20 1.69
C GLU A 162 30.51 -0.24 1.95
N ILE A 163 30.08 -1.19 1.10
CA ILE A 163 30.34 -2.62 1.31
C ILE A 163 31.16 -3.13 0.13
N GLN A 164 32.44 -3.43 0.36
CA GLN A 164 33.29 -4.03 -0.66
C GLN A 164 33.46 -5.54 -0.52
N ASP A 165 32.95 -6.16 0.54
CA ASP A 165 33.25 -7.56 0.79
C ASP A 165 32.21 -8.15 1.72
N ALA A 166 32.19 -9.49 1.77
CA ALA A 166 31.18 -10.21 2.54
C ALA A 166 31.29 -9.94 4.04
N SER A 167 32.50 -9.66 4.55
CA SER A 167 32.64 -9.44 5.99
C SER A 167 31.91 -8.19 6.44
N GLN A 168 31.57 -7.29 5.53
CA GLN A 168 30.72 -6.14 5.86
C GLN A 168 29.24 -6.49 5.83
N LEU A 169 28.88 -7.65 5.28
CA LEU A 169 27.52 -8.17 5.36
C LEU A 169 27.34 -9.01 6.60
N PRO A 170 26.11 -9.22 7.05
CA PRO A 170 25.86 -10.12 8.18
C PRO A 170 26.37 -11.52 7.88
N PRO A 171 26.62 -12.32 8.91
CA PRO A 171 27.38 -13.57 8.69
C PRO A 171 26.70 -14.58 7.79
N ALA A 172 25.39 -14.76 7.93
CA ALA A 172 24.65 -15.74 7.14
C ALA A 172 24.11 -15.17 5.85
N PHE A 173 24.44 -13.93 5.52
CA PHE A 173 23.70 -13.18 4.51
C PHE A 173 24.06 -13.65 3.11
N ASP A 174 23.03 -14.07 2.36
CA ASP A 174 23.17 -14.43 0.94
C ASP A 174 22.30 -13.46 0.15
N LEU A 175 22.94 -12.70 -0.76
CA LEU A 175 22.23 -11.63 -1.46
C LEU A 175 21.11 -12.17 -2.34
N PHE A 176 21.30 -13.34 -2.95
CA PHE A 176 20.25 -13.93 -3.76
C PHE A 176 19.03 -14.28 -2.91
N GLU A 177 19.26 -14.97 -1.79
CA GLU A 177 18.16 -15.27 -0.88
C GLU A 177 17.54 -14.01 -0.33
N ALA A 178 18.36 -13.01 -0.01
CA ALA A 178 17.85 -11.78 0.58
C ALA A 178 16.88 -11.07 -0.37
N PHE A 179 17.24 -10.97 -1.65
CA PHE A 179 16.33 -10.34 -2.61
C PHE A 179 15.08 -11.18 -2.81
N ALA A 180 15.21 -12.51 -2.86
CA ALA A 180 14.03 -13.36 -2.94
C ALA A 180 13.09 -13.07 -1.79
N LYS A 181 13.62 -12.87 -0.59
CA LYS A 181 12.79 -12.54 0.56
C LYS A 181 12.15 -11.18 0.41
N VAL A 182 12.89 -10.19 -0.10
CA VAL A 182 12.37 -8.83 -0.20
C VAL A 182 11.14 -8.78 -1.10
N ILE A 183 11.19 -9.50 -2.22
CA ILE A 183 10.13 -9.35 -3.22
C ILE A 183 8.81 -9.91 -2.71
N CYS A 184 8.85 -11.05 -2.02
CA CYS A 184 7.67 -11.70 -1.48
CA CYS A 184 7.60 -11.61 -1.53
C CYS A 184 7.19 -11.06 -0.17
N ASN A 185 8.11 -10.46 0.60
CA ASN A 185 7.76 -9.88 1.90
C ASN A 185 7.60 -8.36 1.91
N SER A 186 7.75 -7.67 0.79
CA SER A 186 7.65 -6.21 0.80
C SER A 186 6.21 -5.76 1.00
N PHE A 187 6.03 -4.74 1.82
CA PHE A 187 4.75 -4.07 2.01
C PHE A 187 4.76 -2.74 1.26
N THR A 188 3.71 -2.51 0.47
CA THR A 188 3.53 -1.24 -0.21
C THR A 188 2.83 -0.26 0.72
N ILE A 189 3.39 0.93 0.85
CA ILE A 189 2.82 1.99 1.67
C ILE A 189 2.16 2.99 0.73
N CYS A 190 0.84 3.12 0.85
CA CYS A 190 0.03 3.96 -0.03
C CYS A 190 -0.51 5.16 0.73
N ASN A 191 -0.72 6.25 -0.01
CA ASN A 191 -1.39 7.42 0.54
C ASN A 191 -2.88 7.36 0.21
N ALA A 192 -3.62 8.39 0.62
CA ALA A 192 -5.06 8.40 0.41
C ALA A 192 -5.46 8.46 -1.06
N GLU A 193 -4.52 8.79 -1.94
CA GLU A 193 -4.77 8.87 -3.38
C GLU A 193 -4.45 7.57 -4.11
N MET A 194 -4.10 6.51 -3.39
CA MET A 194 -3.77 5.19 -3.91
C MET A 194 -2.43 5.16 -4.62
N GLN A 195 -1.74 6.30 -4.77
CA GLN A 195 -0.34 6.28 -5.14
C GLN A 195 0.44 5.48 -4.11
N GLU A 196 1.47 4.78 -4.57
CA GLU A 196 2.36 4.06 -3.67
C GLU A 196 3.54 4.98 -3.37
N VAL A 197 3.61 5.48 -2.13
CA VAL A 197 4.64 6.43 -1.75
C VAL A 197 5.86 5.75 -1.13
N GLY A 198 5.80 4.47 -0.81
CA GLY A 198 6.91 3.83 -0.14
C GLY A 198 6.75 2.32 -0.11
N VAL A 199 7.86 1.66 0.22
CA VAL A 199 7.90 0.21 0.37
C VAL A 199 8.75 -0.09 1.59
N GLY A 200 8.31 -1.07 2.39
CA GLY A 200 9.02 -1.39 3.62
C GLY A 200 8.83 -2.85 4.01
N LEU A 201 9.70 -3.28 4.93
CA LEU A 201 9.66 -4.64 5.46
C LEU A 201 9.23 -4.61 6.91
N TYR A 202 8.24 -5.43 7.25
CA TYR A 202 7.71 -5.57 8.61
C TYR A 202 7.68 -7.06 8.91
N PRO A 203 8.82 -7.63 9.34
CA PRO A 203 8.92 -9.11 9.38
C PRO A 203 7.87 -9.79 10.25
N SER A 204 7.53 -9.22 11.41
CA SER A 204 6.48 -9.81 12.23
C SER A 204 5.16 -9.88 11.47
N ILE A 205 4.84 -8.81 10.73
CA ILE A 205 3.59 -8.78 9.98
C ILE A 205 3.62 -9.72 8.79
N SER A 206 4.80 -10.08 8.31
CA SER A 206 4.91 -11.00 7.18
C SER A 206 4.36 -12.38 7.48
N LEU A 207 4.08 -12.69 8.75
CA LEU A 207 3.48 -13.98 9.07
C LEU A 207 2.06 -14.11 8.56
N LEU A 208 1.38 -13.01 8.26
CA LEU A 208 -0.02 -13.09 7.84
C LEU A 208 -0.11 -13.72 6.46
N ASN A 209 -0.83 -14.82 6.36
CA ASN A 209 -1.13 -15.46 5.09
C ASN A 209 -2.28 -14.74 4.39
N HIS A 210 -2.35 -14.94 3.07
CA HIS A 210 -3.32 -14.25 2.23
C HIS A 210 -4.69 -14.91 2.25
N SER A 211 -5.72 -14.09 2.17
CA SER A 211 -7.05 -14.50 1.75
C SER A 211 -7.68 -13.37 0.95
N CYS A 212 -8.39 -13.72 -0.12
CA CYS A 212 -9.18 -12.72 -0.83
C CYS A 212 -10.41 -12.31 -0.03
N ASP A 213 -10.69 -12.97 1.09
CA ASP A 213 -11.72 -12.57 2.04
C ASP A 213 -11.09 -12.54 3.43
N PRO A 214 -10.25 -11.54 3.70
CA PRO A 214 -9.47 -11.54 4.94
C PRO A 214 -10.28 -11.15 6.16
N ASN A 215 -9.82 -11.62 7.33
CA ASN A 215 -10.38 -11.21 8.61
C ASN A 215 -9.60 -10.08 9.27
N CYS A 216 -8.49 -9.64 8.68
CA CYS A 216 -7.70 -8.53 9.19
C CYS A 216 -7.39 -7.56 8.07
N SER A 217 -7.03 -6.34 8.45
CA SER A 217 -6.56 -5.33 7.51
C SER A 217 -5.40 -4.57 8.11
N ILE A 218 -4.53 -4.08 7.24
CA ILE A 218 -3.41 -3.23 7.64
C ILE A 218 -3.68 -1.83 7.12
N VAL A 219 -3.32 -0.83 7.93
CA VAL A 219 -3.37 0.57 7.55
C VAL A 219 -2.03 1.18 7.94
N PHE A 220 -1.61 2.19 7.18
CA PHE A 220 -0.34 2.87 7.40
C PHE A 220 -0.58 4.31 7.84
N ASN A 221 0.07 4.71 8.93
CA ASN A 221 0.19 6.10 9.31
C ASN A 221 1.67 6.44 9.17
N GLY A 222 2.01 7.20 8.13
CA GLY A 222 3.38 7.30 7.71
C GLY A 222 3.97 5.90 7.53
N PRO A 223 5.23 5.72 7.92
CA PRO A 223 5.81 4.35 7.90
C PRO A 223 5.19 3.42 8.92
N HIS A 224 4.46 3.94 9.90
CA HIS A 224 3.95 3.11 10.99
C HIS A 224 2.75 2.28 10.53
N LEU A 225 2.80 0.98 10.82
CA LEU A 225 1.78 0.03 10.39
C LEU A 225 0.87 -0.34 11.56
N LEU A 226 -0.42 -0.46 11.28
CA LEU A 226 -1.41 -0.91 12.25
C LEU A 226 -2.15 -2.12 11.69
N LEU A 227 -2.12 -3.23 12.43
CA LEU A 227 -2.86 -4.44 12.08
C LEU A 227 -4.10 -4.53 12.95
N ARG A 228 -5.26 -4.67 12.32
CA ARG A 228 -6.54 -4.69 13.03
C ARG A 228 -7.41 -5.81 12.50
N ALA A 229 -8.24 -6.36 13.38
CA ALA A 229 -9.28 -7.31 12.98
C ALA A 229 -10.46 -6.53 12.40
N VAL A 230 -10.89 -6.92 11.19
CA VAL A 230 -12.06 -6.30 10.56
C VAL A 230 -13.32 -7.13 10.73
N ARG A 231 -13.26 -8.26 11.43
CA ARG A 231 -14.45 -9.07 11.71
CA ARG A 231 -14.44 -9.06 11.72
C ARG A 231 -14.17 -9.89 12.96
N ASP A 232 -15.23 -10.46 13.51
CA ASP A 232 -15.07 -11.35 14.66
C ASP A 232 -14.23 -12.56 14.28
N ILE A 233 -13.32 -12.95 15.17
CA ILE A 233 -12.35 -14.01 14.92
C ILE A 233 -12.34 -14.94 16.12
N GLU A 234 -12.51 -16.23 15.88
CA GLU A 234 -12.56 -17.22 16.94
C GLU A 234 -11.16 -17.55 17.43
N VAL A 235 -11.08 -18.01 18.69
CA VAL A 235 -9.80 -18.42 19.26
C VAL A 235 -9.21 -19.54 18.41
N GLY A 236 -7.93 -19.41 18.10
CA GLY A 236 -7.24 -20.37 17.26
C GLY A 236 -7.38 -20.14 15.77
N GLU A 237 -8.24 -19.21 15.36
CA GLU A 237 -8.44 -18.95 13.94
C GLU A 237 -7.23 -18.23 13.35
N GLU A 238 -6.82 -18.66 12.15
CA GLU A 238 -5.69 -18.03 11.49
C GLU A 238 -6.04 -16.63 11.03
N LEU A 239 -5.09 -15.72 11.16
CA LEU A 239 -5.28 -14.34 10.75
C LEU A 239 -4.77 -14.14 9.32
N THR A 240 -5.55 -13.42 8.51
CA THR A 240 -5.24 -13.23 7.11
C THR A 240 -5.50 -11.78 6.71
N ILE A 241 -4.76 -11.34 5.69
CA ILE A 241 -4.97 -10.07 5.01
C ILE A 241 -5.05 -10.36 3.52
N CYS A 242 -5.51 -9.37 2.77
CA CYS A 242 -5.50 -9.46 1.31
C CYS A 242 -4.24 -8.79 0.78
N TYR A 243 -3.39 -9.57 0.10
CA TYR A 243 -2.15 -9.06 -0.46
C TYR A 243 -2.37 -8.11 -1.64
N LEU A 244 -3.57 -8.09 -2.22
CA LEU A 244 -3.82 -7.48 -3.52
C LEU A 244 -4.91 -6.42 -3.43
N ASP A 245 -4.93 -5.56 -4.45
CA ASP A 245 -6.02 -4.61 -4.60
CA ASP A 245 -6.02 -4.61 -4.60
C ASP A 245 -7.34 -5.35 -4.73
N MET A 246 -8.40 -4.78 -4.15
CA MET A 246 -9.68 -5.47 -4.13
C MET A 246 -10.37 -5.46 -5.48
N LEU A 247 -10.01 -4.58 -6.41
CA LEU A 247 -10.62 -4.62 -7.73
C LEU A 247 -9.63 -5.35 -8.61
N MET A 248 -9.86 -6.65 -8.76
CA MET A 248 -9.16 -7.54 -9.67
C MET A 248 -10.11 -8.71 -9.91
N THR A 249 -10.05 -9.28 -11.09
CA THR A 249 -10.75 -10.53 -11.31
C THR A 249 -9.95 -11.68 -10.70
N SER A 250 -10.66 -12.78 -10.42
CA SER A 250 -9.98 -13.98 -9.92
C SER A 250 -8.82 -14.36 -10.83
N GLU A 251 -8.97 -14.16 -12.14
CA GLU A 251 -7.90 -14.45 -13.08
C GLU A 251 -6.70 -13.55 -12.82
N GLU A 252 -6.95 -12.26 -12.59
CA GLU A 252 -5.86 -11.32 -12.31
C GLU A 252 -5.21 -11.65 -10.97
N ARG A 253 -6.01 -11.95 -9.95
CA ARG A 253 -5.45 -12.32 -8.65
C ARG A 253 -4.60 -13.58 -8.76
N ARG A 254 -5.08 -14.57 -9.51
CA ARG A 254 -4.30 -15.80 -9.70
C ARG A 254 -2.92 -15.50 -10.28
N LYS A 255 -2.87 -14.65 -11.31
CA LYS A 255 -1.60 -14.35 -11.95
C LYS A 255 -0.64 -13.66 -10.98
N GLN A 256 -1.13 -12.64 -10.27
CA GLN A 256 -0.26 -11.89 -9.37
C GLN A 256 0.21 -12.77 -8.22
N LEU A 257 -0.70 -13.55 -7.61
CA LEU A 257 -0.29 -14.43 -6.53
C LEU A 257 0.67 -15.51 -7.00
N ARG A 258 0.54 -15.93 -8.26
CA ARG A 258 1.52 -16.87 -8.83
C ARG A 258 2.87 -16.19 -9.02
N ASP A 259 2.88 -15.04 -9.70
CA ASP A 259 4.14 -14.39 -10.04
C ASP A 259 4.90 -13.98 -8.79
N GLN A 260 4.28 -13.17 -7.93
CA GLN A 260 4.99 -12.63 -6.77
C GLN A 260 5.13 -13.65 -5.65
N TYR A 261 4.03 -14.29 -5.24
CA TYR A 261 4.01 -15.11 -4.03
C TYR A 261 4.12 -16.61 -4.26
N CYS A 262 4.16 -17.08 -5.50
CA CYS A 262 4.36 -18.49 -5.81
C CYS A 262 3.35 -19.40 -5.11
N PHE A 263 2.06 -19.06 -5.21
CA PHE A 263 1.05 -19.97 -4.69
C PHE A 263 -0.27 -19.79 -5.41
N GLU A 264 -1.11 -20.82 -5.31
CA GLU A 264 -2.45 -20.84 -5.90
C GLU A 264 -3.46 -20.64 -4.78
N CYS A 265 -4.36 -19.68 -4.96
CA CYS A 265 -5.33 -19.36 -3.92
C CYS A 265 -6.54 -20.26 -4.06
N ASP A 266 -6.81 -21.04 -3.01
CA ASP A 266 -7.96 -21.92 -2.93
C ASP A 266 -9.15 -21.29 -2.22
N CYS A 267 -9.07 -20.00 -1.88
CA CYS A 267 -10.12 -19.38 -1.08
C CYS A 267 -11.45 -19.40 -1.82
N PHE A 268 -12.53 -19.29 -1.04
CA PHE A 268 -13.87 -19.51 -1.57
C PHE A 268 -14.20 -18.54 -2.69
N ARG A 269 -13.72 -17.30 -2.59
CA ARG A 269 -13.98 -16.32 -3.64
C ARG A 269 -13.35 -16.75 -4.96
N CYS A 270 -12.12 -17.28 -4.91
CA CYS A 270 -11.47 -17.73 -6.14
C CYS A 270 -12.11 -19.00 -6.68
N GLN A 271 -12.61 -19.88 -5.80
CA GLN A 271 -13.29 -21.08 -6.26
C GLN A 271 -14.57 -20.74 -7.00
N THR A 272 -15.32 -19.74 -6.53
CA THR A 272 -16.59 -19.36 -7.11
C THR A 272 -16.46 -18.22 -8.11
N GLN A 273 -15.25 -17.70 -8.35
CA GLN A 273 -15.05 -16.53 -9.21
C GLN A 273 -15.97 -15.40 -8.77
N ASP A 274 -16.04 -15.18 -7.45
CA ASP A 274 -17.00 -14.25 -6.88
C ASP A 274 -16.77 -12.83 -7.42
N LYS A 275 -17.84 -12.24 -7.95
CA LYS A 275 -17.93 -10.87 -8.46
C LYS A 275 -17.29 -10.70 -9.84
N ASP A 276 -16.64 -11.74 -10.39
CA ASP A 276 -15.94 -11.57 -11.67
C ASP A 276 -16.85 -11.02 -12.75
N ALA A 277 -18.04 -11.63 -12.92
CA ALA A 277 -18.95 -11.20 -13.99
C ALA A 277 -19.32 -9.74 -13.84
N ASP A 278 -19.65 -9.30 -12.62
CA ASP A 278 -20.06 -7.93 -12.40
C ASP A 278 -18.91 -6.95 -12.64
N MET A 279 -17.67 -7.38 -12.39
CA MET A 279 -16.52 -6.51 -12.60
C MET A 279 -16.29 -6.22 -14.08
N LEU A 280 -16.59 -7.19 -14.94
CA LEU A 280 -16.27 -7.13 -16.36
C LEU A 280 -17.41 -6.63 -17.25
N THR A 281 -18.51 -6.17 -16.66
CA THR A 281 -19.67 -5.74 -17.45
C THR A 281 -19.28 -4.69 -18.47
N GLY A 282 -20.00 -4.70 -19.59
CA GLY A 282 -19.74 -3.82 -20.72
C GLY A 282 -19.07 -4.57 -21.86
N ASP A 283 -18.97 -3.87 -22.99
CA ASP A 283 -18.37 -4.46 -24.18
C ASP A 283 -16.90 -4.80 -23.92
N GLU A 284 -16.53 -6.05 -24.20
CA GLU A 284 -15.19 -6.52 -23.88
C GLU A 284 -14.12 -5.74 -24.63
N GLN A 285 -14.37 -5.40 -25.89
CA GLN A 285 -13.41 -4.62 -26.65
C GLN A 285 -13.21 -3.23 -26.04
N VAL A 286 -14.26 -2.67 -25.45
CA VAL A 286 -14.16 -1.34 -24.87
C VAL A 286 -13.29 -1.36 -23.61
N TRP A 287 -13.57 -2.28 -22.68
CA TRP A 287 -12.81 -2.25 -21.43
C TRP A 287 -11.43 -2.87 -21.56
N LYS A 288 -11.13 -3.55 -22.67
CA LYS A 288 -9.74 -3.89 -22.96
C LYS A 288 -8.94 -2.64 -23.30
N GLU A 289 -9.53 -1.73 -24.06
CA GLU A 289 -8.86 -0.47 -24.39
C GLU A 289 -8.69 0.41 -23.16
N VAL A 290 -9.70 0.44 -22.29
CA VAL A 290 -9.57 1.20 -21.04
C VAL A 290 -8.48 0.58 -20.16
N GLN A 291 -8.46 -0.75 -20.08
CA GLN A 291 -7.46 -1.44 -19.28
C GLN A 291 -6.06 -1.15 -19.80
N GLU A 292 -5.90 -1.02 -21.11
CA GLU A 292 -4.60 -0.68 -21.68
C GLU A 292 -4.23 0.77 -21.36
N SER A 293 -5.20 1.67 -21.41
CA SER A 293 -4.94 3.07 -21.07
C SER A 293 -4.62 3.24 -19.59
N LEU A 294 -5.21 2.41 -18.73
CA LEU A 294 -4.93 2.51 -17.30
C LEU A 294 -3.45 2.30 -17.00
N LYS A 295 -2.75 1.54 -17.85
CA LYS A 295 -1.32 1.33 -17.66
C LYS A 295 -0.57 2.67 -17.71
N LYS A 296 -0.87 3.49 -18.71
CA LYS A 296 -0.24 4.81 -18.80
C LYS A 296 -0.77 5.76 -17.74
N ILE A 297 -2.08 5.71 -17.48
CA ILE A 297 -2.68 6.61 -16.50
C ILE A 297 -2.07 6.38 -15.11
N GLU A 298 -2.01 5.12 -14.69
CA GLU A 298 -1.45 4.82 -13.37
C GLU A 298 0.05 5.08 -13.31
N GLU A 299 0.74 5.04 -14.44
CA GLU A 299 2.14 5.44 -14.47
C GLU A 299 2.28 6.94 -14.23
N LEU A 300 1.46 7.74 -14.92
CA LEU A 300 1.45 9.18 -14.68
C LEU A 300 1.09 9.48 -13.22
N LYS A 301 0.17 8.70 -12.65
CA LYS A 301 -0.24 8.92 -11.27
C LYS A 301 0.90 8.58 -10.31
N ALA A 302 1.66 7.53 -10.61
CA ALA A 302 2.79 7.17 -9.77
C ALA A 302 3.84 8.28 -9.73
N HIS A 303 3.96 9.05 -10.82
CA HIS A 303 4.90 10.15 -10.92
C HIS A 303 4.27 11.49 -10.53
N TRP A 304 3.02 11.47 -10.06
CA TRP A 304 2.37 12.66 -9.53
C TRP A 304 2.15 13.74 -10.59
N LYS A 305 1.89 13.35 -11.84
CA LYS A 305 1.53 14.33 -12.86
C LYS A 305 0.01 14.23 -13.00
N TRP A 306 -0.69 15.20 -12.41
CA TRP A 306 -2.15 15.12 -12.30
C TRP A 306 -2.83 15.64 -13.56
N GLU A 307 -2.34 16.75 -14.12
CA GLU A 307 -2.94 17.30 -15.33
C GLU A 307 -2.97 16.26 -16.45
N GLN A 308 -1.91 15.45 -16.57
CA GLN A 308 -1.87 14.43 -17.59
C GLN A 308 -2.79 13.26 -17.24
N VAL A 309 -2.92 12.93 -15.95
CA VAL A 309 -3.88 11.92 -15.53
C VAL A 309 -5.30 12.36 -15.90
N LEU A 310 -5.66 13.58 -15.52
CA LEU A 310 -7.03 14.05 -15.76
C LEU A 310 -7.35 14.11 -17.24
N ALA A 311 -6.39 14.55 -18.06
CA ALA A 311 -6.61 14.64 -19.49
C ALA A 311 -6.98 13.29 -20.07
N MET A 312 -6.20 12.25 -19.74
CA MET A 312 -6.48 10.91 -20.26
C MET A 312 -7.78 10.36 -19.68
N CYS A 313 -8.02 10.59 -18.39
CA CYS A 313 -9.24 10.08 -17.77
C CYS A 313 -10.48 10.70 -18.40
N GLN A 314 -10.46 12.02 -18.65
CA GLN A 314 -11.61 12.67 -19.28
C GLN A 314 -11.84 12.12 -20.68
N ALA A 315 -10.77 11.84 -21.42
CA ALA A 315 -10.92 11.29 -22.76
C ALA A 315 -11.60 9.94 -22.75
N ILE A 316 -11.67 9.28 -21.59
CA ILE A 316 -12.33 7.99 -21.43
C ILE A 316 -13.75 8.22 -20.92
N ILE A 317 -13.86 8.83 -19.73
CA ILE A 317 -15.16 9.07 -19.11
C ILE A 317 -16.08 9.82 -20.09
N SER A 318 -15.54 10.84 -20.75
CA SER A 318 -16.28 11.67 -21.69
C SER A 318 -16.13 11.21 -23.13
N SER A 319 -15.51 10.05 -23.36
CA SER A 319 -15.13 9.62 -24.71
C SER A 319 -16.29 9.73 -25.69
N ASN A 320 -15.99 10.22 -26.89
CA ASN A 320 -16.96 10.16 -27.98
C ASN A 320 -17.33 8.72 -28.29
N SER A 321 -16.36 7.81 -28.24
CA SER A 321 -16.61 6.41 -28.51
C SER A 321 -17.37 5.78 -27.34
N GLU A 322 -17.65 4.49 -27.46
CA GLU A 322 -18.52 3.81 -26.51
C GLU A 322 -17.93 3.84 -25.10
N ARG A 323 -18.82 3.80 -24.10
CA ARG A 323 -18.49 3.95 -22.70
C ARG A 323 -18.94 2.74 -21.91
N LEU A 324 -18.41 2.62 -20.68
CA LEU A 324 -18.61 1.47 -19.82
C LEU A 324 -19.42 1.84 -18.58
N PRO A 325 -20.12 0.89 -17.98
CA PRO A 325 -20.78 1.16 -16.70
C PRO A 325 -19.76 1.38 -15.60
N ASP A 326 -20.17 2.17 -14.59
CA ASP A 326 -19.24 2.52 -13.52
C ASP A 326 -18.83 1.31 -12.68
N ILE A 327 -19.60 0.22 -12.72
CA ILE A 327 -19.21 -0.98 -11.98
C ILE A 327 -18.13 -1.79 -12.68
N ASN A 328 -17.82 -1.48 -13.94
CA ASN A 328 -16.66 -2.08 -14.58
C ASN A 328 -15.41 -1.60 -13.86
N ILE A 329 -14.57 -2.56 -13.41
CA ILE A 329 -13.50 -2.20 -12.49
C ILE A 329 -12.49 -1.28 -13.16
N TYR A 330 -12.32 -1.38 -14.48
CA TYR A 330 -11.39 -0.49 -15.17
C TYR A 330 -11.97 0.91 -15.32
N GLN A 331 -13.26 1.00 -15.69
CA GLN A 331 -13.95 2.28 -15.62
C GLN A 331 -13.89 2.86 -14.21
N LEU A 332 -14.09 2.01 -13.20
CA LEU A 332 -14.09 2.48 -11.81
C LEU A 332 -12.72 3.01 -11.41
N LYS A 333 -11.65 2.34 -11.85
CA LYS A 333 -10.30 2.85 -11.58
C LYS A 333 -10.08 4.18 -12.26
N VAL A 334 -10.59 4.36 -13.48
CA VAL A 334 -10.44 5.62 -14.19
C VAL A 334 -11.16 6.74 -13.44
N LEU A 335 -12.40 6.49 -13.02
CA LEU A 335 -13.14 7.49 -12.25
C LEU A 335 -12.37 7.87 -11.00
N ASP A 336 -11.69 6.90 -10.37
CA ASP A 336 -10.96 7.17 -9.14
C ASP A 336 -9.75 8.05 -9.41
N CYS A 337 -8.97 7.72 -10.45
CA CYS A 337 -7.82 8.54 -10.80
C CYS A 337 -8.26 9.96 -11.17
N ALA A 338 -9.36 10.09 -11.90
CA ALA A 338 -9.87 11.41 -12.25
C ALA A 338 -10.27 12.19 -11.01
N MET A 339 -10.97 11.54 -10.07
CA MET A 339 -11.32 12.20 -8.81
C MET A 339 -10.08 12.74 -8.12
N ASP A 340 -9.04 11.91 -7.99
CA ASP A 340 -7.83 12.33 -7.29
C ASP A 340 -7.09 13.42 -8.05
N ALA A 341 -7.15 13.40 -9.38
CA ALA A 341 -6.55 14.47 -10.17
C ALA A 341 -7.31 15.79 -9.96
N CYS A 342 -8.64 15.72 -9.97
CA CYS A 342 -9.44 16.93 -9.79
C CYS A 342 -9.21 17.55 -8.42
N ILE A 343 -9.00 16.72 -7.40
CA ILE A 343 -8.74 17.23 -6.06
C ILE A 343 -7.42 17.97 -6.02
N ASN A 344 -6.37 17.38 -6.59
CA ASN A 344 -5.06 18.02 -6.59
C ASN A 344 -5.03 19.25 -7.49
N LEU A 345 -5.76 19.22 -8.60
CA LEU A 345 -5.84 20.36 -9.51
C LEU A 345 -6.84 21.40 -9.04
N GLY A 346 -7.52 21.16 -7.93
CA GLY A 346 -8.41 22.14 -7.37
C GLY A 346 -9.75 22.24 -8.04
N LEU A 347 -10.21 21.19 -8.71
CA LEU A 347 -11.57 21.17 -9.25
C LEU A 347 -12.38 20.29 -8.30
N LEU A 348 -13.19 20.93 -7.46
CA LEU A 348 -13.98 20.23 -6.45
C LEU A 348 -15.29 19.71 -7.00
N GLU A 349 -15.98 20.52 -7.81
CA GLU A 349 -17.24 20.09 -8.40
C GLU A 349 -17.04 18.84 -9.24
N GLU A 350 -15.99 18.83 -10.08
CA GLU A 350 -15.73 17.69 -10.93
C GLU A 350 -15.26 16.48 -10.12
N ALA A 351 -14.44 16.72 -9.10
CA ALA A 351 -14.00 15.62 -8.24
C ALA A 351 -15.19 14.98 -7.54
N LEU A 352 -16.15 15.78 -7.09
CA LEU A 352 -17.33 15.23 -6.42
C LEU A 352 -18.18 14.45 -7.41
N PHE A 353 -18.30 14.93 -8.64
CA PHE A 353 -19.06 14.19 -9.66
C PHE A 353 -18.48 12.80 -9.86
N TYR A 354 -17.17 12.71 -10.07
CA TYR A 354 -16.53 11.40 -10.24
C TYR A 354 -16.62 10.59 -8.96
N GLY A 355 -16.29 11.20 -7.82
CA GLY A 355 -16.29 10.47 -6.56
C GLY A 355 -17.66 9.92 -6.20
N THR A 356 -18.71 10.71 -6.45
CA THR A 356 -20.07 10.22 -6.19
C THR A 356 -20.39 8.99 -7.02
N ARG A 357 -19.87 8.92 -8.24
CA ARG A 357 -20.15 7.79 -9.11
C ARG A 357 -19.43 6.52 -8.66
N THR A 358 -18.34 6.63 -7.90
CA THR A 358 -17.63 5.46 -7.41
C THR A 358 -18.26 4.85 -6.17
N MET A 359 -19.23 5.51 -5.55
CA MET A 359 -19.69 5.10 -4.23
C MET A 359 -20.37 3.73 -4.27
N GLU A 360 -21.39 3.56 -5.11
CA GLU A 360 -22.12 2.31 -5.11
C GLU A 360 -21.23 1.16 -5.58
N PRO A 361 -20.40 1.36 -6.63
CA PRO A 361 -19.45 0.29 -6.98
C PRO A 361 -18.47 -0.06 -5.88
N TYR A 362 -18.01 0.92 -5.11
CA TYR A 362 -17.13 0.63 -3.98
C TYR A 362 -17.85 -0.18 -2.91
N ARG A 363 -19.13 0.13 -2.67
CA ARG A 363 -19.88 -0.64 -1.68
C ARG A 363 -19.98 -2.11 -2.08
N ILE A 364 -20.17 -2.37 -3.37
CA ILE A 364 -20.30 -3.75 -3.84
C ILE A 364 -18.97 -4.48 -3.74
N PHE A 365 -17.91 -3.90 -4.29
CA PHE A 365 -16.66 -4.64 -4.49
C PHE A 365 -15.82 -4.72 -3.22
N PHE A 366 -15.86 -3.71 -2.35
CA PHE A 366 -15.09 -3.78 -1.12
C PHE A 366 -15.90 -4.41 0.00
N PRO A 367 -15.26 -5.17 0.90
CA PRO A 367 -16.00 -5.83 1.99
C PRO A 367 -16.64 -4.85 2.94
N GLY A 368 -17.30 -5.36 3.99
CA GLY A 368 -18.04 -4.51 4.90
C GLY A 368 -17.19 -3.39 5.48
N SER A 369 -16.05 -3.75 6.08
CA SER A 369 -15.10 -2.77 6.59
C SER A 369 -13.77 -2.98 5.87
N HIS A 370 -13.42 -2.02 5.01
CA HIS A 370 -12.16 -2.06 4.29
C HIS A 370 -11.60 -0.63 4.31
N PRO A 371 -10.29 -0.46 4.50
CA PRO A 371 -9.76 0.90 4.63
C PRO A 371 -9.85 1.72 3.36
N VAL A 372 -9.72 1.08 2.19
CA VAL A 372 -9.81 1.82 0.92
C VAL A 372 -11.18 2.46 0.78
N ARG A 373 -12.24 1.70 1.06
CA ARG A 373 -13.58 2.26 0.95
C ARG A 373 -13.82 3.34 1.99
N GLY A 374 -13.35 3.13 3.22
CA GLY A 374 -13.53 4.15 4.25
C GLY A 374 -12.94 5.48 3.86
N VAL A 375 -11.74 5.47 3.26
CA VAL A 375 -11.11 6.70 2.83
C VAL A 375 -11.86 7.30 1.64
N GLN A 376 -12.30 6.44 0.72
CA GLN A 376 -13.06 6.94 -0.42
C GLN A 376 -14.32 7.66 0.03
N VAL A 377 -15.08 7.06 0.94
CA VAL A 377 -16.29 7.71 1.44
C VAL A 377 -15.94 8.99 2.18
N MET A 378 -14.82 9.00 2.88
CA MET A 378 -14.42 10.19 3.63
C MET A 378 -14.12 11.35 2.68
N LYS A 379 -13.44 11.08 1.57
CA LYS A 379 -13.15 12.13 0.60
C LYS A 379 -14.42 12.70 -0.01
N VAL A 380 -15.38 11.84 -0.32
CA VAL A 380 -16.65 12.29 -0.89
C VAL A 380 -17.40 13.16 0.11
N GLY A 381 -17.55 12.67 1.34
CA GLY A 381 -18.18 13.47 2.38
C GLY A 381 -17.44 14.77 2.63
N LYS A 382 -16.12 14.75 2.50
CA LYS A 382 -15.33 15.95 2.69
C LYS A 382 -15.56 16.95 1.55
N LEU A 383 -15.63 16.44 0.31
CA LEU A 383 -15.97 17.31 -0.82
C LEU A 383 -17.36 17.90 -0.67
N GLN A 384 -18.31 17.09 -0.21
CA GLN A 384 -19.69 17.57 -0.03
C GLN A 384 -19.75 18.65 1.05
N LEU A 385 -19.02 18.45 2.15
CA LEU A 385 -18.99 19.45 3.22
C LEU A 385 -18.47 20.79 2.71
N HIS A 386 -17.38 20.76 1.92
CA HIS A 386 -16.79 22.01 1.47
C HIS A 386 -17.61 22.68 0.37
N GLN A 387 -18.43 21.92 -0.35
CA GLN A 387 -19.39 22.50 -1.28
C GLN A 387 -20.73 22.80 -0.61
N GLY A 388 -20.84 22.55 0.69
CA GLY A 388 -21.98 23.01 1.43
C GLY A 388 -23.20 22.14 1.33
N MET A 389 -23.05 20.83 1.06
CA MET A 389 -24.17 19.91 1.17
C MET A 389 -23.94 19.21 2.51
N PHE A 390 -24.64 19.68 3.53
CA PHE A 390 -24.47 19.23 4.90
C PHE A 390 -25.08 17.87 5.19
N PRO A 391 -26.35 17.64 4.87
CA PRO A 391 -26.93 16.32 5.17
C PRO A 391 -26.30 15.20 4.38
N GLN A 392 -25.91 15.46 3.13
CA GLN A 392 -25.19 14.45 2.36
C GLN A 392 -23.81 14.21 2.94
N ALA A 393 -23.10 15.29 3.29
CA ALA A 393 -21.76 15.14 3.87
C ALA A 393 -21.82 14.41 5.20
N MET A 394 -22.82 14.74 6.04
CA MET A 394 -22.93 14.09 7.34
C MET A 394 -23.17 12.60 7.19
N LYS A 395 -24.00 12.21 6.22
CA LYS A 395 -24.27 10.79 6.00
C LYS A 395 -23.01 10.05 5.59
N ASN A 396 -22.20 10.64 4.71
CA ASN A 396 -21.00 9.97 4.24
C ASN A 396 -19.88 10.01 5.28
N LEU A 397 -19.74 11.12 5.99
CA LEU A 397 -18.74 11.20 7.05
C LEU A 397 -19.03 10.20 8.16
N ARG A 398 -20.31 10.02 8.50
CA ARG A 398 -20.67 9.02 9.51
C ARG A 398 -20.40 7.61 8.99
N LEU A 399 -20.73 7.35 7.73
CA LEU A 399 -20.42 6.06 7.14
C LEU A 399 -18.92 5.81 7.13
N ALA A 400 -18.13 6.83 6.79
CA ALA A 400 -16.67 6.70 6.84
C ALA A 400 -16.20 6.39 8.26
N PHE A 401 -16.83 7.01 9.26
CA PHE A 401 -16.43 6.75 10.64
C PHE A 401 -16.79 5.32 11.06
N ASP A 402 -17.96 4.84 10.64
CA ASP A 402 -18.33 3.46 10.95
C ASP A 402 -17.32 2.48 10.37
N ILE A 403 -16.85 2.74 9.16
CA ILE A 403 -15.82 1.89 8.56
C ILE A 403 -14.48 2.11 9.26
N MET A 404 -14.05 3.36 9.38
CA MET A 404 -12.66 3.63 9.75
C MET A 404 -12.41 3.49 11.24
N ARG A 405 -13.45 3.53 12.07
CA ARG A 405 -13.25 3.16 13.47
C ARG A 405 -12.76 1.73 13.57
N VAL A 406 -13.22 0.86 12.68
CA VAL A 406 -12.74 -0.52 12.62
C VAL A 406 -11.39 -0.61 11.92
N THR A 407 -11.26 -0.01 10.74
CA THR A 407 -10.09 -0.24 9.91
C THR A 407 -8.89 0.62 10.33
N HIS A 408 -9.12 1.82 10.86
CA HIS A 408 -8.05 2.72 11.26
C HIS A 408 -7.91 2.80 12.77
N GLY A 409 -8.93 3.27 13.47
CA GLY A 409 -8.93 3.28 14.92
C GLY A 409 -8.37 4.55 15.51
N ARG A 410 -8.53 4.68 16.83
CA ARG A 410 -8.09 5.88 17.54
C ARG A 410 -6.58 6.07 17.43
N GLU A 411 -5.82 5.00 17.17
CA GLU A 411 -4.38 5.13 17.03
C GLU A 411 -3.97 5.81 15.73
N HIS A 412 -4.88 5.90 14.75
CA HIS A 412 -4.57 6.51 13.46
C HIS A 412 -4.97 7.97 13.47
N SER A 413 -4.06 8.83 13.00
CA SER A 413 -4.30 10.28 13.04
C SER A 413 -5.50 10.67 12.20
N LEU A 414 -5.80 9.90 11.14
CA LEU A 414 -6.89 10.26 10.25
C LEU A 414 -8.24 10.21 10.95
N ILE A 415 -8.36 9.39 12.00
CA ILE A 415 -9.60 9.34 12.76
C ILE A 415 -9.84 10.66 13.48
N GLU A 416 -8.77 11.26 14.00
CA GLU A 416 -8.91 12.57 14.65
C GLU A 416 -9.39 13.61 13.65
N ASP A 417 -8.86 13.59 12.42
CA ASP A 417 -9.32 14.50 11.39
C ASP A 417 -10.79 14.26 11.06
N LEU A 418 -11.20 13.00 10.96
CA LEU A 418 -12.58 12.68 10.63
C LEU A 418 -13.53 13.17 11.72
N ILE A 419 -13.13 13.02 12.98
CA ILE A 419 -13.97 13.50 14.09
C ILE A 419 -14.15 15.00 14.00
N LEU A 420 -13.11 15.73 13.59
CA LEU A 420 -13.23 17.18 13.46
C LEU A 420 -14.16 17.55 12.30
N LEU A 421 -14.12 16.77 11.22
CA LEU A 421 -15.05 17.01 10.12
C LEU A 421 -16.49 16.74 10.53
N LEU A 422 -16.72 15.67 11.31
CA LEU A 422 -18.06 15.38 11.79
C LEU A 422 -18.58 16.50 12.68
N GLU A 423 -17.73 17.00 13.60
CA GLU A 423 -18.16 18.07 14.51
C GLU A 423 -18.46 19.36 13.74
N GLU A 424 -17.67 19.64 12.70
CA GLU A 424 -17.95 20.82 11.88
C GLU A 424 -19.25 20.66 11.11
N CYS A 425 -19.43 19.50 10.46
CA CYS A 425 -20.65 19.27 9.70
C CYS A 425 -21.88 19.31 10.60
N ASP A 426 -21.78 18.73 11.79
CA ASP A 426 -22.91 18.73 12.72
C ASP A 426 -23.26 20.16 13.13
N ALA A 427 -22.25 20.99 13.40
CA ALA A 427 -22.51 22.37 13.78
C ALA A 427 -23.22 23.14 12.68
N ASN A 428 -22.88 22.86 11.41
CA ASN A 428 -23.55 23.52 10.30
C ASN A 428 -25.01 23.10 10.21
N ILE A 429 -25.29 21.81 10.42
CA ILE A 429 -26.67 21.32 10.34
C ILE A 429 -27.51 21.93 11.45
N ARG A 430 -26.96 22.00 12.67
CA ARG A 430 -27.70 22.58 13.78
C ARG A 430 -27.98 24.06 13.61
N ALA A 431 -27.15 24.76 12.82
CA ALA A 431 -27.38 26.17 12.55
C ALA A 431 -28.55 26.38 11.60
N SER A 432 -29.11 25.32 11.04
CA SER A 432 -30.13 25.43 10.00
C SER A 432 -31.53 25.14 10.54
ZN ZN B . -8.51 -16.21 -3.38
ZN ZN C . 22.08 12.07 1.76
ZN ZN D . 8.71 14.71 6.95
MG MG E . 8.47 -23.61 0.71
MG MG F . -9.42 6.87 -3.93
S DMS G . -5.80 4.23 1.58
O DMS G . -4.43 3.82 1.15
C1 DMS G . -6.89 4.21 0.14
C2 DMS G . -6.53 2.92 2.58
H11 DMS G . -6.86 3.25 -0.32
H12 DMS G . -6.57 4.94 -0.57
H13 DMS G . -7.89 4.41 0.44
H21 DMS G . -5.99 2.81 3.49
H22 DMS G . -6.51 2.01 2.05
H23 DMS G . -7.55 3.17 2.81
C4 62X H . 4.40 -11.07 2.99
C5 62X H . 3.88 -12.49 2.99
C6 62X H . 4.91 -13.57 3.33
C8 62X H . 3.50 -15.27 4.45
C10 62X H . 4.65 -17.50 5.11
C15 62X H . 3.77 -15.30 2.00
C21 62X H . 3.48 -16.94 0.10
C24 62X H . 0.36 -17.14 1.93
C26 62X H . -1.21 -18.39 1.19
C1 62X H . 4.15 -8.71 2.87
N2 62X H . 3.45 -9.98 3.08
C3 62X H . 2.39 -10.13 2.07
N7 62X H . 4.37 -14.92 3.30
C9 62X H . 4.08 -16.15 5.55
N11 62X H . 3.70 -18.52 5.33
C12 62X H . 5.94 -17.83 5.90
O13 62X H . 6.10 -18.99 6.36
O14 62X H . 6.83 -16.95 6.07
C16 62X H . 3.89 -16.76 1.56
O17 62X H . 3.03 -17.58 2.33
C18 62X H . 2.41 -18.55 1.50
C19 62X H . 3.01 -18.39 0.10
O20 62X H . 4.09 -19.26 -0.04
O22 62X H . 4.58 -16.75 -0.76
N23 62X H . 0.98 -18.27 1.47
N25 62X H . -0.97 -17.16 1.77
C27 62X H . -2.40 -19.04 0.76
N28 62X H . -3.58 -18.45 0.91
N29 62X H . -2.29 -20.27 0.20
C30 62X H . -1.06 -20.83 0.08
N31 62X H . 0.12 -20.32 0.44
C32 62X H . -0.02 -19.08 0.99
#